data_4C9Q
#
_entry.id   4C9Q
#
_cell.length_a   56.695
_cell.length_b   107.876
_cell.length_c   57.002
_cell.angle_alpha   90.00
_cell.angle_beta   93.62
_cell.angle_gamma   90.00
#
_symmetry.space_group_name_H-M   'P 1 21 1'
#
loop_
_entity.id
_entity.type
_entity.pdbx_description
1 polymer 'ADP, ATP CARRIER PROTEIN 3'
2 non-polymer Carboxyatractyloside
3 non-polymer CARDIOLIPIN
#
_entity_poly.entity_id   1
_entity_poly.type   'polypeptide(L)'
_entity_poly.pdbx_seq_one_letter_code
;MHHHHHHHHHIEGRSMASDAKQQETNFAINFLMGGVSAAIAKTAASPIERVKILIQNQDEMIKQGTLDKKYSGIVDCFKR
TAKQEGLISFWRGNTANVIRYFPTQALNFAFKDKIKLMFGFKKEEGYGKWFAGNLASGGAAGALSLLFVYSLDFARTRLA
ADAKSSKKGGARQFNGLTDVYKKTLKSDGIAGLYRGFMPSVVGIVVYRGLYFGMFDSLKPLVLTGSLDGSFLASFLLGWV
VTTGASTCSYPLDTVRRRMMMTSGQAVKYNGAIDCLKKIVASEGVGSLFKGCGANILRSVAGAGVISMYDQLQMILFGKK
FK
;
_entity_poly.pdbx_strand_id   A,B
#
# COMPACT_ATOMS: atom_id res chain seq x y z
N ASP A 19 3.03 31.38 -33.20
CA ASP A 19 2.01 31.83 -32.26
C ASP A 19 2.05 31.03 -30.96
N ALA A 20 3.26 30.77 -30.47
CA ALA A 20 3.44 30.03 -29.23
C ALA A 20 2.87 30.79 -28.04
N LYS A 21 3.08 32.10 -28.03
CA LYS A 21 2.55 32.95 -26.97
C LYS A 21 1.03 32.92 -26.94
N GLN A 22 0.42 32.91 -28.13
CA GLN A 22 -1.04 32.82 -28.23
C GLN A 22 -1.54 31.49 -27.69
N GLN A 23 -0.77 30.42 -27.93
CA GLN A 23 -1.09 29.11 -27.39
C GLN A 23 -0.99 29.11 -25.87
N GLU A 24 0.02 29.79 -25.35
CA GLU A 24 0.19 29.93 -23.92
C GLU A 24 -0.98 30.67 -23.29
N THR A 25 -1.42 31.74 -23.94
CA THR A 25 -2.59 32.49 -23.47
C THR A 25 -3.84 31.63 -23.52
N ASN A 26 -3.98 30.84 -24.59
CA ASN A 26 -5.13 29.96 -24.75
C ASN A 26 -5.19 28.90 -23.65
N PHE A 27 -4.04 28.33 -23.33
CA PHE A 27 -3.95 27.32 -22.28
C PHE A 27 -4.22 27.95 -20.91
N ALA A 28 -3.82 29.21 -20.75
CA ALA A 28 -4.03 29.92 -19.49
C ALA A 28 -5.49 30.22 -19.25
N ILE A 29 -6.19 30.70 -20.29
CA ILE A 29 -7.61 30.98 -20.20
C ILE A 29 -8.40 29.69 -19.99
N ASN A 30 -8.01 28.64 -20.68
CA ASN A 30 -8.66 27.34 -20.56
C ASN A 30 -8.53 26.79 -19.14
N PHE A 31 -7.38 27.01 -18.53
CA PHE A 31 -7.11 26.54 -17.18
C PHE A 31 -7.95 27.30 -16.15
N LEU A 32 -7.94 28.63 -16.23
CA LEU A 32 -8.65 29.47 -15.28
C LEU A 32 -10.16 29.30 -15.36
N MET A 33 -10.70 29.33 -16.57
CA MET A 33 -12.13 29.18 -16.79
C MET A 33 -12.60 27.77 -16.42
N GLY A 34 -11.69 26.81 -16.52
CA GLY A 34 -11.97 25.45 -16.08
C GLY A 34 -12.20 25.40 -14.59
N GLY A 35 -11.44 26.20 -13.84
CA GLY A 35 -11.60 26.30 -12.40
C GLY A 35 -12.94 26.88 -12.02
N VAL A 36 -13.41 27.86 -12.80
CA VAL A 36 -14.71 28.47 -12.56
C VAL A 36 -15.82 27.46 -12.74
N SER A 37 -15.73 26.68 -13.83
CA SER A 37 -16.71 25.64 -14.12
C SER A 37 -16.78 24.62 -12.98
N ALA A 38 -15.61 24.19 -12.51
CA ALA A 38 -15.52 23.24 -11.41
C ALA A 38 -16.06 23.82 -10.11
N ALA A 39 -15.76 25.10 -9.88
CA ALA A 39 -16.18 25.78 -8.65
C ALA A 39 -17.71 25.84 -8.53
N ILE A 40 -18.37 26.20 -9.63
CA ILE A 40 -19.82 26.31 -9.64
C ILE A 40 -20.48 24.93 -9.49
N ALA A 41 -19.94 23.94 -10.19
CA ALA A 41 -20.46 22.58 -10.13
C ALA A 41 -20.43 22.03 -8.71
N LYS A 42 -19.30 22.21 -8.04
CA LYS A 42 -19.13 21.70 -6.69
C LYS A 42 -19.92 22.51 -5.66
N THR A 43 -20.06 23.81 -5.92
CA THR A 43 -20.80 24.68 -5.00
C THR A 43 -22.29 24.40 -5.05
N ALA A 44 -22.79 24.05 -6.24
CA ALA A 44 -24.21 23.79 -6.43
C ALA A 44 -24.65 22.53 -5.69
N ALA A 45 -23.82 21.50 -5.72
CA ALA A 45 -24.15 20.23 -5.08
C ALA A 45 -23.45 20.10 -3.74
N SER A 46 -23.07 21.23 -3.16
CA SER A 46 -22.37 21.26 -1.88
C SER A 46 -23.26 20.86 -0.68
N PRO A 47 -24.51 21.37 -0.61
CA PRO A 47 -25.34 20.95 0.54
C PRO A 47 -25.57 19.44 0.59
N ILE A 48 -25.91 18.83 -0.53
CA ILE A 48 -26.13 17.39 -0.61
C ILE A 48 -24.84 16.64 -0.26
N GLU A 49 -23.70 17.24 -0.60
CA GLU A 49 -22.40 16.66 -0.30
C GLU A 49 -22.15 16.57 1.20
N ARG A 50 -22.46 17.65 1.91
CA ARG A 50 -22.26 17.66 3.36
C ARG A 50 -23.21 16.69 4.04
N VAL A 51 -24.42 16.57 3.51
CA VAL A 51 -25.40 15.61 4.01
C VAL A 51 -24.85 14.19 3.90
N LYS A 52 -24.19 13.91 2.78
CA LYS A 52 -23.53 12.63 2.58
C LYS A 52 -22.47 12.38 3.65
N ILE A 53 -21.61 13.37 3.85
CA ILE A 53 -20.52 13.27 4.83
C ILE A 53 -21.04 13.13 6.25
N LEU A 54 -22.17 13.79 6.54
CA LEU A 54 -22.77 13.71 7.87
C LEU A 54 -23.35 12.33 8.15
N ILE A 55 -24.12 11.81 7.20
CA ILE A 55 -24.73 10.49 7.33
C ILE A 55 -23.65 9.40 7.35
N GLN A 56 -22.62 9.58 6.54
CA GLN A 56 -21.57 8.58 6.39
C GLN A 56 -20.74 8.42 7.67
N ASN A 57 -20.43 9.55 8.32
CA ASN A 57 -19.56 9.52 9.49
C ASN A 57 -20.29 9.93 10.77
N GLN A 58 -21.57 9.56 10.86
CA GLN A 58 -22.36 9.92 12.03
C GLN A 58 -21.96 9.12 13.26
N ASP A 59 -21.54 7.87 13.05
CA ASP A 59 -21.14 7.01 14.15
C ASP A 59 -19.86 7.52 14.80
N GLU A 60 -18.97 8.09 13.99
CA GLU A 60 -17.76 8.72 14.51
C GLU A 60 -18.09 9.94 15.36
N MET A 61 -19.10 10.69 14.91
CA MET A 61 -19.54 11.88 15.63
C MET A 61 -20.23 11.51 16.94
N ILE A 62 -20.99 10.43 16.94
CA ILE A 62 -21.67 9.95 18.14
C ILE A 62 -20.64 9.55 19.20
N LYS A 63 -19.58 8.87 18.78
CA LYS A 63 -18.50 8.50 19.68
C LYS A 63 -17.82 9.74 20.24
N GLN A 64 -17.52 10.70 19.36
CA GLN A 64 -16.85 11.93 19.77
C GLN A 64 -17.76 12.82 20.60
N GLY A 65 -19.06 12.55 20.55
CA GLY A 65 -20.03 13.32 21.30
C GLY A 65 -20.53 14.55 20.56
N THR A 66 -20.15 14.64 19.29
CA THR A 66 -20.56 15.78 18.46
C THR A 66 -22.02 15.66 18.06
N LEU A 67 -22.48 14.42 17.88
CA LEU A 67 -23.85 14.16 17.48
C LEU A 67 -24.65 13.56 18.63
N ASP A 68 -25.90 13.97 18.76
CA ASP A 68 -26.77 13.49 19.84
C ASP A 68 -27.43 12.17 19.46
N LYS A 69 -28.19 12.19 18.38
CA LYS A 69 -28.88 10.99 17.90
C LYS A 69 -28.54 10.71 16.44
N LYS A 70 -28.59 9.44 16.07
CA LYS A 70 -28.27 9.02 14.70
C LYS A 70 -29.26 9.62 13.71
N TYR A 71 -28.77 10.00 12.54
CA TYR A 71 -29.62 10.57 11.50
C TYR A 71 -30.55 9.49 10.94
N SER A 72 -31.84 9.79 10.91
CA SER A 72 -32.85 8.85 10.43
C SER A 72 -32.80 8.72 8.91
N GLY A 73 -32.22 9.70 8.24
CA GLY A 73 -32.10 9.67 6.80
C GLY A 73 -31.62 10.97 6.19
N ILE A 74 -31.81 11.10 4.87
CA ILE A 74 -31.39 12.29 4.15
C ILE A 74 -32.24 13.50 4.53
N VAL A 75 -33.56 13.30 4.57
CA VAL A 75 -34.48 14.36 4.93
C VAL A 75 -34.23 14.83 6.37
N ASP A 76 -34.06 13.87 7.28
CA ASP A 76 -33.79 14.18 8.67
C ASP A 76 -32.47 14.95 8.82
N CYS A 77 -31.48 14.56 8.04
CA CYS A 77 -30.18 15.22 8.06
C CYS A 77 -30.31 16.67 7.61
N PHE A 78 -31.08 16.90 6.55
CA PHE A 78 -31.32 18.24 6.04
C PHE A 78 -32.01 19.13 7.07
N LYS A 79 -33.09 18.61 7.65
CA LYS A 79 -33.88 19.36 8.64
C LYS A 79 -33.07 19.75 9.87
N ARG A 80 -32.41 18.77 10.48
CA ARG A 80 -31.64 19.00 11.71
C ARG A 80 -30.50 19.99 11.51
N THR A 81 -29.76 19.81 10.42
CA THR A 81 -28.62 20.69 10.12
C THR A 81 -29.07 22.12 9.87
N ALA A 82 -30.17 22.26 9.12
CA ALA A 82 -30.68 23.58 8.78
C ALA A 82 -31.24 24.32 10.00
N LYS A 83 -31.92 23.59 10.88
CA LYS A 83 -32.56 24.18 12.04
C LYS A 83 -31.56 24.56 13.14
N GLN A 84 -30.49 23.78 13.26
CA GLN A 84 -29.51 23.99 14.32
C GLN A 84 -28.39 24.95 13.93
N GLU A 85 -28.00 24.93 12.67
CA GLU A 85 -26.88 25.76 12.22
C GLU A 85 -27.30 26.86 11.26
N GLY A 86 -28.20 26.54 10.35
CA GLY A 86 -28.65 27.50 9.36
C GLY A 86 -28.54 26.98 7.94
N LEU A 87 -28.76 27.86 6.98
CA LEU A 87 -28.75 27.47 5.57
C LEU A 87 -27.34 27.55 4.97
N ILE A 88 -26.57 28.54 5.40
CA ILE A 88 -25.22 28.73 4.87
C ILE A 88 -24.25 27.64 5.30
N SER A 89 -24.60 26.94 6.38
CA SER A 89 -23.74 25.90 6.94
C SER A 89 -23.61 24.70 6.01
N PHE A 90 -24.49 24.60 5.03
CA PHE A 90 -24.46 23.50 4.07
C PHE A 90 -23.33 23.65 3.05
N TRP A 91 -22.65 24.79 3.08
CA TRP A 91 -21.51 25.03 2.22
C TRP A 91 -20.19 25.02 3.00
N ARG A 92 -20.26 24.53 4.24
CA ARG A 92 -19.09 24.49 5.11
C ARG A 92 -18.05 23.50 4.59
N GLY A 93 -16.89 24.01 4.18
CA GLY A 93 -15.83 23.19 3.65
C GLY A 93 -15.66 23.33 2.14
N ASN A 94 -16.58 24.04 1.51
CA ASN A 94 -16.61 24.16 0.06
C ASN A 94 -15.34 24.78 -0.55
N THR A 95 -14.67 25.63 0.20
CA THR A 95 -13.46 26.29 -0.29
C THR A 95 -12.38 25.28 -0.67
N ALA A 96 -12.31 24.21 0.10
CA ALA A 96 -11.36 23.13 -0.17
C ALA A 96 -11.59 22.54 -1.55
N ASN A 97 -12.86 22.31 -1.89
CA ASN A 97 -13.23 21.82 -3.22
C ASN A 97 -12.88 22.82 -4.31
N VAL A 98 -13.05 24.10 -4.01
CA VAL A 98 -12.73 25.17 -4.95
C VAL A 98 -11.24 25.24 -5.24
N ILE A 99 -10.44 25.25 -4.17
CA ILE A 99 -8.98 25.33 -4.30
C ILE A 99 -8.40 24.10 -4.99
N ARG A 100 -8.92 22.93 -4.63
CA ARG A 100 -8.33 21.65 -5.05
C ARG A 100 -8.17 21.48 -6.55
N TYR A 101 -8.95 22.22 -7.33
CA TYR A 101 -8.91 22.12 -8.79
C TYR A 101 -7.51 22.40 -9.34
N PHE A 102 -6.97 23.56 -8.98
CA PHE A 102 -5.73 24.06 -9.57
C PHE A 102 -4.51 23.16 -9.34
N PRO A 103 -4.26 22.69 -8.11
CA PRO A 103 -3.10 21.81 -7.97
C PRO A 103 -3.34 20.45 -8.63
N THR A 104 -4.60 20.03 -8.71
CA THR A 104 -4.93 18.76 -9.33
C THR A 104 -4.71 18.80 -10.84
N GLN A 105 -5.34 19.78 -11.49
CA GLN A 105 -5.26 19.89 -12.94
C GLN A 105 -3.85 20.25 -13.41
N ALA A 106 -3.12 21.01 -12.61
CA ALA A 106 -1.74 21.33 -12.92
C ALA A 106 -0.92 20.04 -12.95
N LEU A 107 -1.18 19.18 -11.98
CA LEU A 107 -0.54 17.87 -11.93
C LEU A 107 -1.07 16.97 -13.04
N ASN A 108 -2.36 17.12 -13.33
CA ASN A 108 -3.02 16.37 -14.39
C ASN A 108 -2.39 16.67 -15.75
N PHE A 109 -2.30 17.95 -16.09
CA PHE A 109 -1.75 18.36 -17.37
C PHE A 109 -0.25 18.10 -17.47
N ALA A 110 0.40 17.88 -16.34
CA ALA A 110 1.86 17.74 -16.33
C ALA A 110 2.33 16.29 -16.41
N PHE A 111 1.77 15.42 -15.59
CA PHE A 111 2.34 14.10 -15.39
C PHE A 111 1.45 12.91 -15.79
N LYS A 112 0.15 13.15 -15.92
CA LYS A 112 -0.79 12.07 -16.20
C LYS A 112 -0.50 11.36 -17.52
N ASP A 113 -0.13 12.12 -18.55
CA ASP A 113 0.15 11.56 -19.87
C ASP A 113 1.43 10.74 -19.88
N LYS A 114 2.43 11.18 -19.11
CA LYS A 114 3.70 10.46 -19.04
C LYS A 114 3.51 9.11 -18.34
N ILE A 115 2.69 9.09 -17.30
CA ILE A 115 2.38 7.87 -16.57
C ILE A 115 1.63 6.90 -17.48
N LYS A 116 0.74 7.43 -18.30
CA LYS A 116 0.00 6.62 -19.28
C LYS A 116 0.94 6.04 -20.32
N LEU A 117 1.98 6.78 -20.65
CA LEU A 117 2.99 6.33 -21.61
C LEU A 117 3.96 5.35 -20.97
N MET A 118 3.95 5.30 -19.64
CA MET A 118 4.88 4.46 -18.90
C MET A 118 4.30 3.08 -18.60
N PHE A 119 3.04 3.03 -18.17
CA PHE A 119 2.41 1.78 -17.77
C PHE A 119 1.34 1.30 -18.76
N GLY A 120 1.14 2.05 -19.83
CA GLY A 120 0.03 1.77 -20.73
C GLY A 120 0.33 0.90 -21.94
N PHE A 121 -0.66 0.13 -22.34
CA PHE A 121 -0.59 -0.72 -23.52
C PHE A 121 -1.68 -0.30 -24.50
N LYS A 122 -1.38 -0.35 -25.80
CA LYS A 122 -2.35 0.03 -26.82
C LYS A 122 -3.61 -0.83 -26.73
N LYS A 123 -4.77 -0.17 -26.81
CA LYS A 123 -6.06 -0.85 -26.71
C LYS A 123 -6.30 -1.80 -27.87
N GLU A 124 -5.80 -1.45 -29.04
CA GLU A 124 -5.96 -2.27 -30.23
C GLU A 124 -5.23 -3.60 -30.10
N GLY A 126 -4.53 -5.98 -26.74
CA GLY A 126 -5.46 -6.78 -25.96
C GLY A 126 -6.17 -5.97 -24.91
N TYR A 127 -7.44 -6.33 -24.65
CA TYR A 127 -8.25 -5.61 -23.67
C TYR A 127 -7.75 -5.87 -22.25
N GLY A 128 -7.35 -7.11 -21.99
CA GLY A 128 -6.86 -7.49 -20.67
C GLY A 128 -5.60 -6.76 -20.28
N LYS A 129 -4.67 -6.63 -21.22
CA LYS A 129 -3.40 -5.95 -20.95
C LYS A 129 -3.62 -4.44 -20.87
N TRP A 130 -4.60 -3.94 -21.61
CA TRP A 130 -4.97 -2.54 -21.54
C TRP A 130 -5.68 -2.21 -20.23
N PHE A 131 -6.45 -3.18 -19.74
CA PHE A 131 -7.19 -3.01 -18.49
C PHE A 131 -6.22 -2.87 -17.31
N ALA A 132 -5.24 -3.77 -17.25
CA ALA A 132 -4.24 -3.74 -16.20
C ALA A 132 -3.39 -2.47 -16.29
N GLY A 133 -3.10 -2.04 -17.51
CA GLY A 133 -2.35 -0.83 -17.74
C GLY A 133 -3.08 0.41 -17.27
N ASN A 134 -4.39 0.42 -17.45
CA ASN A 134 -5.22 1.54 -17.01
C ASN A 134 -5.27 1.67 -15.50
N LEU A 135 -5.24 0.53 -14.81
CA LEU A 135 -5.24 0.51 -13.36
C LEU A 135 -3.95 1.09 -12.79
N ALA A 136 -2.83 0.65 -13.36
CA ALA A 136 -1.52 1.14 -12.93
C ALA A 136 -1.39 2.63 -13.21
N SER A 137 -1.80 3.04 -14.40
CA SER A 137 -1.74 4.45 -14.80
C SER A 137 -2.65 5.31 -13.92
N GLY A 138 -3.90 4.87 -13.76
CA GLY A 138 -4.86 5.59 -12.94
C GLY A 138 -4.47 5.63 -11.48
N GLY A 139 -3.90 4.54 -10.99
CA GLY A 139 -3.48 4.45 -9.60
C GLY A 139 -2.30 5.35 -9.30
N ALA A 140 -1.30 5.33 -10.19
CA ALA A 140 -0.11 6.14 -10.01
C ALA A 140 -0.44 7.62 -10.10
N ALA A 141 -1.25 7.99 -11.09
CA ALA A 141 -1.66 9.37 -11.28
C ALA A 141 -2.47 9.87 -10.09
N GLY A 142 -3.38 9.03 -9.62
CA GLY A 142 -4.20 9.35 -8.46
C GLY A 142 -3.37 9.54 -7.20
N ALA A 143 -2.46 8.59 -6.96
CA ALA A 143 -1.60 8.64 -5.78
C ALA A 143 -0.65 9.83 -5.81
N LEU A 144 -0.04 10.08 -6.97
CA LEU A 144 0.87 11.20 -7.14
C LEU A 144 0.16 12.53 -6.91
N SER A 145 -1.07 12.62 -7.40
CA SER A 145 -1.87 13.82 -7.22
C SER A 145 -2.29 13.99 -5.76
N LEU A 146 -2.65 12.90 -5.11
CA LEU A 146 -3.07 12.92 -3.72
C LEU A 146 -1.95 13.37 -2.78
N LEU A 147 -0.70 13.19 -3.21
CA LEU A 147 0.46 13.61 -2.42
C LEU A 147 0.39 15.11 -2.10
N PHE A 148 -0.16 15.88 -3.02
CA PHE A 148 -0.30 17.33 -2.84
C PHE A 148 -1.74 17.71 -2.52
N VAL A 149 -2.67 16.83 -2.87
CA VAL A 149 -4.09 17.14 -2.80
C VAL A 149 -4.79 16.70 -1.51
N TYR A 150 -4.46 15.49 -1.04
CA TYR A 150 -5.20 14.81 0.02
C TYR A 150 -5.55 15.69 1.23
N SER A 151 -4.67 16.64 1.56
CA SER A 151 -4.88 17.52 2.70
C SER A 151 -6.18 18.31 2.56
N LEU A 152 -6.48 18.73 1.35
CA LEU A 152 -7.67 19.54 1.09
C LEU A 152 -8.96 18.75 1.25
N ASP A 153 -8.96 17.50 0.80
CA ASP A 153 -10.11 16.62 0.94
C ASP A 153 -10.36 16.30 2.42
N PHE A 154 -9.28 16.11 3.16
CA PHE A 154 -9.35 15.89 4.60
C PHE A 154 -10.04 17.04 5.31
N ALA A 155 -9.57 18.26 5.06
CA ALA A 155 -10.15 19.45 5.66
C ALA A 155 -11.61 19.64 5.27
N ARG A 156 -11.94 19.25 4.04
CA ARG A 156 -13.31 19.30 3.55
C ARG A 156 -14.23 18.44 4.42
N THR A 157 -13.82 17.19 4.62
CA THR A 157 -14.61 16.25 5.41
C THR A 157 -14.76 16.69 6.86
N ARG A 158 -13.65 17.10 7.47
CA ARG A 158 -13.65 17.51 8.87
C ARG A 158 -14.52 18.74 9.11
N LEU A 159 -14.50 19.69 8.17
CA LEU A 159 -15.32 20.88 8.28
C LEU A 159 -16.79 20.56 8.09
N ALA A 160 -17.07 19.58 7.23
CA ALA A 160 -18.44 19.16 6.98
C ALA A 160 -18.96 18.31 8.14
N ALA A 161 -18.05 17.81 8.96
CA ALA A 161 -18.41 16.90 10.03
C ALA A 161 -18.71 17.62 11.35
N ASP A 162 -17.81 18.49 11.78
CA ASP A 162 -17.94 19.14 13.08
C ASP A 162 -19.19 20.02 13.13
N ALA A 163 -20.01 19.80 14.15
CA ALA A 163 -21.27 20.52 14.29
C ALA A 163 -21.43 21.04 15.71
N LYS A 164 -22.39 21.94 15.90
CA LYS A 164 -22.70 22.45 17.23
C LYS A 164 -23.69 21.54 17.94
N SER A 165 -23.40 21.21 19.19
CA SER A 165 -24.25 20.32 19.97
C SER A 165 -25.49 21.04 20.47
N ALA A 171 -20.92 24.73 19.88
CA ALA A 171 -19.53 24.50 20.22
C ALA A 171 -18.82 23.68 19.15
N ARG A 172 -18.39 24.36 18.09
CA ARG A 172 -17.73 23.70 16.97
C ARG A 172 -16.30 23.30 17.33
N GLN A 173 -15.82 22.24 16.70
CA GLN A 173 -14.48 21.73 16.97
C GLN A 173 -13.42 22.52 16.23
N PHE A 174 -13.78 23.03 15.05
CA PHE A 174 -12.85 23.80 14.21
C PHE A 174 -13.42 25.16 13.86
N ASN A 175 -12.58 26.18 13.94
CA ASN A 175 -13.00 27.55 13.62
C ASN A 175 -13.16 27.77 12.12
N GLY A 176 -12.28 27.12 11.34
CA GLY A 176 -12.31 27.26 9.89
C GLY A 176 -11.41 26.27 9.18
N LEU A 177 -11.13 26.56 7.91
CA LEU A 177 -10.31 25.69 7.07
C LEU A 177 -8.88 25.58 7.60
N THR A 178 -8.26 26.73 7.84
CA THR A 178 -6.88 26.78 8.29
C THR A 178 -6.76 26.35 9.75
N ASP A 179 -7.86 26.49 10.49
CA ASP A 179 -7.90 26.06 11.88
C ASP A 179 -7.75 24.55 11.98
N VAL A 180 -8.33 23.84 11.01
CA VAL A 180 -8.19 22.39 10.92
C VAL A 180 -6.73 21.99 10.83
N TYR A 181 -6.00 22.65 9.93
CA TYR A 181 -4.58 22.39 9.73
C TYR A 181 -3.76 22.59 11.02
N LYS A 182 -3.99 23.71 11.70
CA LYS A 182 -3.26 24.01 12.92
C LYS A 182 -3.47 22.97 14.00
N LYS A 183 -4.73 22.66 14.27
CA LYS A 183 -5.08 21.74 15.36
C LYS A 183 -4.70 20.30 15.05
N THR A 184 -4.82 19.90 13.79
CA THR A 184 -4.45 18.55 13.38
C THR A 184 -2.94 18.33 13.45
N LEU A 185 -2.18 19.31 13.00
CA LEU A 185 -0.72 19.24 13.01
C LEU A 185 -0.18 19.27 14.44
N LYS A 186 -0.84 20.03 15.30
CA LYS A 186 -0.43 20.15 16.69
C LYS A 186 -0.66 18.86 17.47
N SER A 187 -1.65 18.09 17.03
CA SER A 187 -2.04 16.86 17.73
C SER A 187 -1.39 15.61 17.14
N ASP A 188 -1.50 15.46 15.82
CA ASP A 188 -1.02 14.25 15.16
C ASP A 188 0.16 14.50 14.24
N GLY A 189 0.31 15.74 13.79
CA GLY A 189 1.37 16.07 12.85
C GLY A 189 0.90 15.97 11.41
N ILE A 190 1.84 15.72 10.51
CA ILE A 190 1.52 15.61 9.08
C ILE A 190 0.76 14.31 8.80
N ALA A 191 0.95 13.32 9.66
CA ALA A 191 0.27 12.04 9.50
C ALA A 191 -1.24 12.18 9.64
N GLY A 192 -1.68 13.06 10.52
CA GLY A 192 -3.09 13.31 10.74
C GLY A 192 -3.81 13.88 9.53
N LEU A 193 -3.07 14.61 8.70
CA LEU A 193 -3.65 15.20 7.50
C LEU A 193 -3.82 14.16 6.40
N TYR A 194 -3.05 13.08 6.47
CA TYR A 194 -3.10 12.04 5.45
C TYR A 194 -3.68 10.74 6.01
N ARG A 195 -4.80 10.84 6.72
CA ARG A 195 -5.47 9.67 7.25
C ARG A 195 -6.38 9.04 6.21
N GLY A 196 -6.13 7.76 5.90
CA GLY A 196 -6.93 7.03 4.94
C GLY A 196 -6.40 7.19 3.52
N PHE A 197 -5.09 7.27 3.39
CA PHE A 197 -4.45 7.43 2.08
C PHE A 197 -4.52 6.13 1.29
N MET A 198 -4.21 5.01 1.95
CA MET A 198 -4.21 3.71 1.31
C MET A 198 -5.60 3.30 0.77
N PRO A 199 -6.66 3.37 1.60
CA PRO A 199 -7.95 2.98 1.02
C PRO A 199 -8.46 3.96 -0.03
N SER A 200 -7.91 5.17 -0.05
CA SER A 200 -8.27 6.16 -1.06
C SER A 200 -7.66 5.79 -2.41
N VAL A 201 -6.37 5.42 -2.40
CA VAL A 201 -5.68 5.02 -3.61
C VAL A 201 -6.29 3.75 -4.19
N VAL A 202 -6.50 2.75 -3.35
CA VAL A 202 -7.16 1.52 -3.75
C VAL A 202 -8.55 1.83 -4.30
N GLY A 203 -9.23 2.76 -3.64
CA GLY A 203 -10.53 3.22 -4.08
C GLY A 203 -10.50 3.79 -5.49
N ILE A 204 -9.48 4.58 -5.78
CA ILE A 204 -9.30 5.15 -7.12
C ILE A 204 -9.14 4.07 -8.17
N VAL A 205 -8.33 3.07 -7.86
CA VAL A 205 -8.09 1.95 -8.77
C VAL A 205 -9.37 1.15 -9.02
N VAL A 206 -10.03 0.76 -7.94
CA VAL A 206 -11.28 0.00 -8.03
C VAL A 206 -12.35 0.77 -8.79
N TYR A 207 -12.52 2.04 -8.45
CA TYR A 207 -13.50 2.89 -9.12
C TYR A 207 -13.21 3.00 -10.61
N ARG A 208 -11.94 3.16 -10.95
CA ARG A 208 -11.53 3.32 -12.35
C ARG A 208 -11.74 2.03 -13.14
N GLY A 209 -11.33 0.91 -12.56
CA GLY A 209 -11.49 -0.39 -13.20
C GLY A 209 -12.95 -0.70 -13.44
N LEU A 210 -13.78 -0.44 -12.44
CA LEU A 210 -15.21 -0.65 -12.54
C LEU A 210 -15.83 0.30 -13.56
N TYR A 211 -15.36 1.54 -13.57
CA TYR A 211 -15.87 2.56 -14.48
C TYR A 211 -15.63 2.16 -15.94
N PHE A 212 -14.37 1.92 -16.28
CA PHE A 212 -13.99 1.59 -17.66
C PHE A 212 -14.53 0.22 -18.10
N GLY A 213 -14.56 -0.72 -17.17
CA GLY A 213 -15.08 -2.05 -17.45
C GLY A 213 -16.56 -2.00 -17.79
N MET A 214 -17.32 -1.33 -16.93
CA MET A 214 -18.76 -1.19 -17.11
C MET A 214 -19.10 -0.36 -18.34
N PHE A 215 -18.33 0.70 -18.57
CA PHE A 215 -18.57 1.61 -19.69
C PHE A 215 -18.38 0.94 -21.05
N ASP A 216 -17.29 0.20 -21.20
CA ASP A 216 -16.99 -0.48 -22.45
C ASP A 216 -17.98 -1.59 -22.74
N SER A 217 -18.42 -2.28 -21.69
CA SER A 217 -19.38 -3.38 -21.83
C SER A 217 -20.75 -2.88 -22.28
N LEU A 218 -21.14 -1.71 -21.78
CA LEU A 218 -22.45 -1.14 -22.10
C LEU A 218 -22.35 -0.13 -23.24
N LYS A 219 -21.15 0.04 -23.78
CA LYS A 219 -20.91 1.00 -24.86
C LYS A 219 -21.69 0.69 -26.15
N PRO A 220 -21.67 -0.57 -26.64
CA PRO A 220 -22.40 -0.80 -27.89
C PRO A 220 -23.92 -0.66 -27.75
N LEU A 221 -24.43 -0.71 -26.53
CA LEU A 221 -25.86 -0.58 -26.28
C LEU A 221 -26.40 0.77 -26.77
N PHE A 231 -27.08 14.22 -25.30
CA PHE A 231 -28.07 13.20 -25.62
C PHE A 231 -28.61 12.54 -24.36
N LEU A 232 -29.89 12.19 -24.38
CA LEU A 232 -30.54 11.57 -23.23
C LEU A 232 -29.94 10.19 -22.94
N ALA A 233 -29.78 9.39 -23.99
CA ALA A 233 -29.21 8.06 -23.85
C ALA A 233 -27.77 8.14 -23.34
N SER A 234 -27.02 9.09 -23.86
CA SER A 234 -25.63 9.28 -23.44
C SER A 234 -25.54 9.70 -21.99
N PHE A 235 -26.40 10.62 -21.57
CA PHE A 235 -26.43 11.09 -20.19
C PHE A 235 -26.82 9.98 -19.23
N LEU A 236 -27.84 9.20 -19.61
CA LEU A 236 -28.29 8.07 -18.80
C LEU A 236 -27.20 7.01 -18.69
N LEU A 237 -26.47 6.79 -19.78
CA LEU A 237 -25.37 5.84 -19.79
C LEU A 237 -24.29 6.23 -18.79
N GLY A 238 -23.90 7.50 -18.84
CA GLY A 238 -22.88 8.02 -17.93
C GLY A 238 -23.29 7.93 -16.47
N TRP A 239 -24.57 8.16 -16.19
CA TRP A 239 -25.08 8.09 -14.83
C TRP A 239 -25.07 6.67 -14.28
N VAL A 240 -25.40 5.71 -15.11
CA VAL A 240 -25.42 4.31 -14.70
C VAL A 240 -24.03 3.82 -14.31
N VAL A 241 -23.06 4.06 -15.18
CA VAL A 241 -21.68 3.66 -14.93
C VAL A 241 -21.13 4.34 -13.67
N THR A 242 -21.36 5.64 -13.56
CA THR A 242 -20.91 6.41 -12.41
C THR A 242 -21.51 5.87 -11.10
N THR A 243 -22.80 5.59 -11.13
CA THR A 243 -23.50 5.08 -9.95
C THR A 243 -22.96 3.71 -9.53
N GLY A 244 -22.80 2.82 -10.50
CA GLY A 244 -22.32 1.48 -10.23
C GLY A 244 -20.91 1.42 -9.68
N ALA A 245 -19.99 2.10 -10.36
CA ALA A 245 -18.58 2.09 -9.97
C ALA A 245 -18.36 2.70 -8.59
N SER A 246 -19.06 3.80 -8.31
CA SER A 246 -18.92 4.50 -7.04
C SER A 246 -19.56 3.74 -5.88
N THR A 247 -20.64 3.02 -6.17
CA THR A 247 -21.35 2.28 -5.14
C THR A 247 -20.53 1.09 -4.63
N CYS A 248 -19.91 0.37 -5.55
CA CYS A 248 -19.13 -0.81 -5.19
C CYS A 248 -17.82 -0.41 -4.49
N SER A 249 -17.31 0.77 -4.82
CA SER A 249 -16.07 1.26 -4.22
C SER A 249 -16.37 2.19 -3.04
N TYR A 250 -17.63 2.24 -2.65
CA TYR A 250 -18.06 3.12 -1.57
C TYR A 250 -17.56 2.70 -0.18
N PRO A 251 -17.55 1.39 0.14
CA PRO A 251 -17.00 1.01 1.45
C PRO A 251 -15.58 1.53 1.69
N LEU A 252 -14.79 1.58 0.62
CA LEU A 252 -13.43 2.12 0.71
C LEU A 252 -13.46 3.61 1.02
N ASP A 253 -14.45 4.31 0.47
CA ASP A 253 -14.63 5.73 0.72
C ASP A 253 -15.07 5.99 2.15
N THR A 254 -15.94 5.13 2.66
CA THR A 254 -16.43 5.23 4.04
C THR A 254 -15.28 5.08 5.04
N VAL A 255 -14.46 4.04 4.84
CA VAL A 255 -13.31 3.79 5.69
C VAL A 255 -12.35 4.98 5.68
N ARG A 256 -12.11 5.51 4.48
CA ARG A 256 -11.25 6.69 4.30
C ARG A 256 -11.72 7.87 5.15
N ARG A 257 -13.00 8.21 5.01
CA ARG A 257 -13.56 9.35 5.73
C ARG A 257 -13.61 9.12 7.24
N ARG A 258 -13.93 7.89 7.65
CA ARG A 258 -13.98 7.56 9.06
C ARG A 258 -12.60 7.53 9.69
N MET A 259 -11.56 7.30 8.88
CA MET A 259 -10.19 7.39 9.36
C MET A 259 -9.77 8.86 9.51
N MET A 260 -10.36 9.72 8.67
CA MET A 260 -10.15 11.16 8.80
C MET A 260 -10.73 11.67 10.11
N MET A 261 -11.83 11.05 10.54
CA MET A 261 -12.52 11.46 11.76
C MET A 261 -11.70 11.14 13.01
N THR A 262 -10.83 10.14 12.90
CA THR A 262 -10.05 9.68 14.03
C THR A 262 -8.85 10.57 14.29
N SER A 263 -8.55 11.46 13.34
CA SER A 263 -7.44 12.39 13.48
C SER A 263 -7.68 13.35 14.63
N GLY A 264 -6.74 13.36 15.58
CA GLY A 264 -6.86 14.23 16.74
C GLY A 264 -7.64 13.57 17.86
N GLN A 265 -8.16 12.38 17.59
CA GLN A 265 -8.93 11.64 18.59
C GLN A 265 -8.03 10.68 19.37
N ALA A 266 -8.48 10.28 20.55
CA ALA A 266 -7.70 9.40 21.40
C ALA A 266 -7.53 8.01 20.79
N VAL A 267 -8.63 7.45 20.32
CA VAL A 267 -8.61 6.12 19.70
C VAL A 267 -8.59 6.21 18.18
N LYS A 268 -7.75 5.38 17.56
CA LYS A 268 -7.64 5.34 16.11
C LYS A 268 -7.53 3.91 15.61
N TYR A 269 -8.06 3.65 14.42
CA TYR A 269 -8.00 2.32 13.82
C TYR A 269 -6.59 1.99 13.36
N ASN A 270 -6.21 0.72 13.48
CA ASN A 270 -4.88 0.28 13.10
C ASN A 270 -4.85 -0.13 11.63
N GLY A 271 -5.34 0.76 10.77
CA GLY A 271 -5.39 0.52 9.34
C GLY A 271 -6.82 0.49 8.79
N ALA A 272 -6.93 0.50 7.47
CA ALA A 272 -8.23 0.46 6.81
C ALA A 272 -8.88 -0.90 7.01
N ILE A 273 -8.07 -1.96 6.96
CA ILE A 273 -8.55 -3.31 7.17
C ILE A 273 -9.05 -3.47 8.61
N ASP A 274 -8.27 -2.94 9.55
CA ASP A 274 -8.66 -2.95 10.95
C ASP A 274 -9.94 -2.14 11.14
N CYS A 275 -10.00 -0.99 10.46
CA CYS A 275 -11.20 -0.16 10.49
C CYS A 275 -12.39 -0.92 9.90
N LEU A 276 -12.17 -1.56 8.77
CA LEU A 276 -13.21 -2.34 8.10
C LEU A 276 -13.74 -3.44 9.00
N LYS A 277 -12.83 -4.16 9.65
CA LYS A 277 -13.20 -5.26 10.54
C LYS A 277 -14.04 -4.80 11.72
N LYS A 278 -13.63 -3.71 12.35
CA LYS A 278 -14.32 -3.17 13.51
C LYS A 278 -15.71 -2.64 13.16
N ILE A 279 -15.83 -2.01 11.99
CA ILE A 279 -17.11 -1.48 11.54
C ILE A 279 -18.15 -2.58 11.37
N VAL A 280 -17.77 -3.63 10.67
CA VAL A 280 -18.66 -4.76 10.43
C VAL A 280 -19.06 -5.46 11.73
N ALA A 281 -18.08 -5.64 12.61
CA ALA A 281 -18.31 -6.34 13.87
C ALA A 281 -19.20 -5.54 14.83
N SER A 282 -19.16 -4.22 14.70
CA SER A 282 -19.90 -3.35 15.61
C SER A 282 -21.24 -2.90 15.05
N GLU A 283 -21.26 -2.54 13.77
CA GLU A 283 -22.44 -1.92 13.17
C GLU A 283 -23.00 -2.71 11.99
N GLY A 284 -22.21 -3.66 11.48
CA GLY A 284 -22.64 -4.45 10.34
C GLY A 284 -22.09 -3.94 9.03
N VAL A 285 -22.28 -4.73 7.97
CA VAL A 285 -21.78 -4.38 6.64
C VAL A 285 -22.50 -3.15 6.08
N GLY A 286 -23.79 -3.04 6.38
CA GLY A 286 -24.60 -1.94 5.90
C GLY A 286 -24.10 -0.58 6.30
N SER A 287 -23.38 -0.52 7.42
CA SER A 287 -22.83 0.74 7.91
C SER A 287 -21.79 1.32 6.96
N LEU A 288 -21.23 0.46 6.11
CA LEU A 288 -20.25 0.90 5.11
C LEU A 288 -20.91 1.66 3.98
N PHE A 289 -22.22 1.52 3.85
CA PHE A 289 -22.95 2.13 2.76
C PHE A 289 -23.81 3.30 3.21
N LYS A 290 -23.45 3.90 4.34
CA LYS A 290 -24.16 5.08 4.82
C LYS A 290 -23.81 6.31 3.99
N GLY A 291 -24.83 6.89 3.36
CA GLY A 291 -24.65 8.09 2.56
C GLY A 291 -24.41 7.78 1.10
N CYS A 292 -24.54 6.50 0.74
CA CYS A 292 -24.33 6.07 -0.63
C CYS A 292 -25.41 6.65 -1.55
N GLY A 293 -26.65 6.60 -1.09
CA GLY A 293 -27.77 7.15 -1.83
C GLY A 293 -27.67 8.66 -1.94
N ALA A 294 -27.20 9.30 -0.88
CA ALA A 294 -26.97 10.73 -0.87
C ALA A 294 -25.88 11.11 -1.87
N ASN A 295 -24.91 10.22 -2.05
CA ASN A 295 -23.84 10.42 -3.02
C ASN A 295 -24.34 10.36 -4.45
N ILE A 296 -25.27 9.45 -4.71
CA ILE A 296 -25.86 9.31 -6.04
C ILE A 296 -26.62 10.58 -6.42
N LEU A 297 -27.37 11.13 -5.45
CA LEU A 297 -28.07 12.40 -5.65
C LEU A 297 -27.09 13.53 -5.93
N ARG A 298 -25.95 13.50 -5.25
CA ARG A 298 -24.90 14.49 -5.46
C ARG A 298 -24.35 14.40 -6.88
N SER A 299 -24.26 13.18 -7.40
CA SER A 299 -23.74 12.95 -8.75
C SER A 299 -24.63 13.58 -9.82
N VAL A 300 -25.93 13.32 -9.73
CA VAL A 300 -26.86 13.85 -10.72
C VAL A 300 -26.98 15.37 -10.60
N ALA A 301 -26.74 15.90 -9.41
CA ALA A 301 -26.76 17.33 -9.18
C ALA A 301 -25.58 17.99 -9.87
N GLY A 302 -24.40 17.41 -9.67
CA GLY A 302 -23.18 17.90 -10.29
C GLY A 302 -23.22 17.82 -11.80
N ALA A 303 -23.65 16.67 -12.31
CA ALA A 303 -23.78 16.46 -13.75
C ALA A 303 -24.84 17.38 -14.34
N GLY A 304 -25.92 17.59 -13.59
CA GLY A 304 -26.99 18.47 -14.00
C GLY A 304 -26.55 19.92 -14.16
N VAL A 305 -25.92 20.46 -13.11
CA VAL A 305 -25.55 21.87 -13.11
C VAL A 305 -24.38 22.18 -14.04
N ILE A 306 -23.56 21.18 -14.35
CA ILE A 306 -22.44 21.38 -15.24
C ILE A 306 -22.92 21.40 -16.69
N SER A 307 -24.03 20.73 -16.95
CA SER A 307 -24.66 20.77 -18.27
C SER A 307 -25.35 22.10 -18.50
N MET A 308 -26.05 22.58 -17.48
CA MET A 308 -26.72 23.87 -17.52
C MET A 308 -25.72 25.00 -17.75
N TYR A 309 -24.60 24.95 -17.03
CA TYR A 309 -23.57 25.97 -17.15
C TYR A 309 -22.88 25.92 -18.51
N ASP A 310 -22.80 24.74 -19.09
CA ASP A 310 -22.22 24.58 -20.42
C ASP A 310 -23.06 25.33 -21.46
N GLN A 311 -24.37 25.27 -21.30
CA GLN A 311 -25.29 25.98 -22.18
C GLN A 311 -25.15 27.49 -21.98
N LEU A 312 -25.02 27.89 -20.72
CA LEU A 312 -24.82 29.30 -20.37
C LEU A 312 -23.49 29.79 -20.90
N GLN A 313 -22.47 28.94 -20.81
CA GLN A 313 -21.14 29.27 -21.29
C GLN A 313 -21.13 29.34 -22.82
N MET A 314 -21.96 28.51 -23.44
CA MET A 314 -22.07 28.47 -24.89
C MET A 314 -22.64 29.77 -25.45
N ILE A 315 -23.46 30.45 -24.64
CA ILE A 315 -24.09 31.69 -25.06
C ILE A 315 -23.15 32.88 -24.88
N LEU A 316 -22.57 33.01 -23.70
CA LEU A 316 -21.66 34.11 -23.40
C LEU A 316 -20.38 34.02 -24.22
N PHE A 317 -19.65 32.92 -24.03
CA PHE A 317 -18.41 32.67 -24.75
C PHE A 317 -18.64 31.75 -25.93
N GLY A 318 -17.68 31.73 -26.86
CA GLY A 318 -17.77 30.88 -28.03
C GLY A 318 -17.78 29.40 -27.68
N LYS A 319 -16.94 29.01 -26.73
CA LYS A 319 -16.85 27.62 -26.32
C LYS A 319 -17.18 27.45 -24.83
N SER B 18 3.67 -41.73 -22.33
CA SER B 18 4.86 -42.32 -21.74
C SER B 18 6.00 -41.32 -21.67
N ASP B 19 6.09 -40.45 -22.68
CA ASP B 19 7.12 -39.43 -22.73
C ASP B 19 6.72 -38.18 -21.95
N ALA B 20 5.47 -37.75 -22.13
CA ALA B 20 4.95 -36.59 -21.43
C ALA B 20 4.92 -36.84 -19.93
N LYS B 21 4.54 -38.07 -19.56
CA LYS B 21 4.52 -38.47 -18.17
C LYS B 21 5.93 -38.42 -17.60
N GLN B 22 6.91 -38.83 -18.42
CA GLN B 22 8.31 -38.78 -18.03
C GLN B 22 8.76 -37.34 -17.82
N GLN B 23 8.24 -36.43 -18.64
CA GLN B 23 8.53 -35.01 -18.48
C GLN B 23 7.94 -34.49 -17.17
N GLU B 24 6.74 -34.94 -16.85
CA GLU B 24 6.10 -34.57 -15.60
C GLU B 24 6.90 -35.06 -14.40
N THR B 25 7.40 -36.29 -14.49
CA THR B 25 8.25 -36.85 -13.46
C THR B 25 9.52 -36.04 -13.32
N ASN B 26 10.07 -35.62 -14.45
CA ASN B 26 11.27 -34.80 -14.46
C ASN B 26 11.05 -33.48 -13.74
N PHE B 27 9.91 -32.85 -14.01
CA PHE B 27 9.57 -31.59 -13.38
C PHE B 27 9.33 -31.78 -11.87
N ALA B 28 8.79 -32.92 -11.51
CA ALA B 28 8.52 -33.22 -10.10
C ALA B 28 9.82 -33.42 -9.32
N ILE B 29 10.74 -34.17 -9.92
CA ILE B 29 12.05 -34.41 -9.32
C ILE B 29 12.81 -33.08 -9.22
N ASN B 30 12.71 -32.27 -10.26
CA ASN B 30 13.36 -30.96 -10.27
C ASN B 30 12.81 -30.07 -9.16
N PHE B 31 11.50 -30.17 -8.93
CA PHE B 31 10.85 -29.38 -7.88
C PHE B 31 11.28 -29.83 -6.49
N LEU B 32 11.22 -31.13 -6.24
CA LEU B 32 11.58 -31.68 -4.93
C LEU B 32 13.05 -31.47 -4.60
N MET B 33 13.92 -31.82 -5.55
CA MET B 33 15.36 -31.65 -5.36
C MET B 33 15.72 -30.17 -5.28
N GLY B 34 14.92 -29.33 -5.93
CA GLY B 34 15.08 -27.89 -5.80
C GLY B 34 14.79 -27.49 -4.37
N GLY B 35 13.78 -28.14 -3.78
CA GLY B 35 13.43 -27.91 -2.40
C GLY B 35 14.54 -28.35 -1.46
N VAL B 36 15.18 -29.47 -1.79
CA VAL B 36 16.30 -29.97 -1.00
C VAL B 36 17.47 -28.99 -1.05
N SER B 37 17.78 -28.54 -2.26
CA SER B 37 18.86 -27.58 -2.48
C SER B 37 18.62 -26.29 -1.70
N ALA B 38 17.40 -25.77 -1.77
CA ALA B 38 17.05 -24.56 -1.04
C ALA B 38 17.14 -24.77 0.47
N ALA B 39 16.69 -25.95 0.91
CA ALA B 39 16.70 -26.29 2.32
C ALA B 39 18.12 -26.31 2.87
N ILE B 40 19.02 -26.95 2.13
CA ILE B 40 20.42 -27.04 2.55
C ILE B 40 21.09 -25.66 2.51
N ALA B 41 20.81 -24.92 1.44
CA ALA B 41 21.38 -23.58 1.28
C ALA B 41 20.99 -22.66 2.43
N LYS B 42 19.71 -22.69 2.80
CA LYS B 42 19.20 -21.84 3.87
C LYS B 42 19.64 -22.34 5.25
N THR B 43 19.77 -23.66 5.38
CA THR B 43 20.19 -24.26 6.66
C THR B 43 21.65 -23.95 6.96
N ALA B 44 22.47 -23.90 5.91
CA ALA B 44 23.89 -23.65 6.07
C ALA B 44 24.17 -22.24 6.58
N ALA B 45 23.42 -21.27 6.09
CA ALA B 45 23.62 -19.87 6.46
C ALA B 45 22.60 -19.41 7.51
N SER B 46 22.06 -20.35 8.26
CA SER B 46 21.06 -20.05 9.28
C SER B 46 21.59 -19.30 10.53
N PRO B 47 22.75 -19.71 11.08
CA PRO B 47 23.24 -19.00 12.26
C PRO B 47 23.50 -17.50 12.04
N ILE B 48 24.19 -17.16 10.96
CA ILE B 48 24.46 -15.76 10.64
C ILE B 48 23.15 -15.02 10.38
N GLU B 49 22.15 -15.73 9.87
CA GLU B 49 20.83 -15.15 9.63
C GLU B 49 20.16 -14.78 10.95
N ARG B 50 20.23 -15.69 11.92
CA ARG B 50 19.64 -15.42 13.23
C ARG B 50 20.39 -14.29 13.91
N VAL B 51 21.70 -14.23 13.71
CA VAL B 51 22.50 -13.14 14.25
C VAL B 51 22.04 -11.81 13.65
N LYS B 52 21.74 -11.84 12.35
CA LYS B 52 21.20 -10.68 11.65
C LYS B 52 19.89 -10.22 12.27
N ILE B 53 18.97 -11.17 12.45
CA ILE B 53 17.66 -10.86 13.01
C ILE B 53 17.75 -10.35 14.44
N LEU B 54 18.71 -10.87 15.20
CA LEU B 54 18.92 -10.46 16.59
C LEU B 54 19.48 -9.04 16.67
N ILE B 55 20.51 -8.76 15.88
CA ILE B 55 21.12 -7.43 15.88
C ILE B 55 20.14 -6.38 15.35
N GLN B 56 19.36 -6.78 14.35
CA GLN B 56 18.42 -5.87 13.70
C GLN B 56 17.30 -5.44 14.63
N ASN B 57 16.78 -6.39 15.41
CA ASN B 57 15.63 -6.13 16.27
C ASN B 57 15.96 -6.20 17.75
N GLN B 58 17.16 -5.75 18.11
CA GLN B 58 17.60 -5.79 19.49
C GLN B 58 16.86 -4.78 20.37
N ASP B 59 16.52 -3.63 19.79
CA ASP B 59 15.83 -2.57 20.53
C ASP B 59 14.42 -3.00 20.90
N GLU B 60 13.78 -3.75 20.01
CA GLU B 60 12.44 -4.28 20.27
C GLU B 60 12.50 -5.29 21.42
N MET B 61 13.56 -6.08 21.45
CA MET B 61 13.75 -7.05 22.52
C MET B 61 14.02 -6.35 23.84
N ILE B 62 14.79 -5.27 23.80
CA ILE B 62 15.08 -4.48 24.99
C ILE B 62 13.80 -3.85 25.54
N LYS B 63 12.95 -3.34 24.66
CA LYS B 63 11.66 -2.80 25.07
C LYS B 63 10.79 -3.89 25.68
N GLN B 64 10.73 -5.04 25.01
CA GLN B 64 9.95 -6.18 25.47
C GLN B 64 10.55 -6.83 26.71
N GLY B 65 11.83 -6.55 26.96
CA GLY B 65 12.52 -7.11 28.12
C GLY B 65 13.16 -8.45 27.80
N THR B 66 13.15 -8.82 26.54
CA THR B 66 13.72 -10.10 26.09
C THR B 66 15.25 -10.07 26.12
N LEU B 67 15.82 -8.90 25.84
CA LEU B 67 17.26 -8.74 25.82
C LEU B 67 17.75 -7.93 27.02
N ASP B 68 18.89 -8.31 27.58
CA ASP B 68 19.44 -7.64 28.75
C ASP B 68 20.23 -6.40 28.36
N LYS B 69 21.27 -6.60 27.55
CA LYS B 69 22.11 -5.50 27.09
C LYS B 69 22.18 -5.51 25.57
N LYS B 70 22.36 -4.33 24.99
CA LYS B 70 22.45 -4.20 23.54
C LYS B 70 23.67 -4.94 23.00
N TYR B 71 23.50 -5.58 21.84
CA TYR B 71 24.59 -6.29 21.21
C TYR B 71 25.66 -5.33 20.71
N SER B 72 26.91 -5.57 21.10
CA SER B 72 28.02 -4.72 20.71
C SER B 72 28.41 -4.95 19.25
N GLY B 73 28.03 -6.10 18.72
CA GLY B 73 28.32 -6.43 17.33
C GLY B 73 28.00 -7.87 16.98
N ILE B 74 28.55 -8.32 15.86
CA ILE B 74 28.32 -9.68 15.38
C ILE B 74 28.99 -10.72 16.28
N VAL B 75 30.25 -10.46 16.63
CA VAL B 75 31.01 -11.36 17.48
C VAL B 75 30.37 -11.49 18.86
N ASP B 76 29.98 -10.35 19.44
CA ASP B 76 29.33 -10.34 20.75
C ASP B 76 28.01 -11.12 20.70
N CYS B 77 27.27 -10.95 19.61
CA CYS B 77 26.01 -11.64 19.43
C CYS B 77 26.24 -13.16 19.37
N PHE B 78 27.26 -13.57 18.62
CA PHE B 78 27.61 -14.97 18.51
C PHE B 78 27.98 -15.55 19.87
N LYS B 79 28.86 -14.86 20.58
CA LYS B 79 29.33 -15.32 21.89
C LYS B 79 28.18 -15.46 22.88
N ARG B 80 27.39 -14.41 23.03
CA ARG B 80 26.29 -14.40 23.98
C ARG B 80 25.23 -15.46 23.64
N THR B 81 24.86 -15.53 22.37
CA THR B 81 23.84 -16.48 21.94
C THR B 81 24.31 -17.92 22.14
N ALA B 82 25.55 -18.20 21.78
CA ALA B 82 26.11 -19.54 21.91
C ALA B 82 26.26 -19.95 23.37
N LYS B 83 26.69 -19.00 24.20
CA LYS B 83 26.96 -19.28 25.61
C LYS B 83 25.69 -19.42 26.45
N GLN B 84 24.65 -18.67 26.10
CA GLN B 84 23.43 -18.66 26.89
C GLN B 84 22.42 -19.72 26.47
N GLU B 85 22.36 -20.03 25.18
CA GLU B 85 21.36 -20.96 24.66
C GLU B 85 21.97 -22.26 24.15
N GLY B 86 23.09 -22.16 23.44
CA GLY B 86 23.73 -23.32 22.86
C GLY B 86 24.00 -23.14 21.38
N LEU B 87 24.42 -24.23 20.72
CA LEU B 87 24.77 -24.17 19.31
C LEU B 87 23.59 -24.39 18.38
N ILE B 88 22.67 -25.27 18.78
CA ILE B 88 21.53 -25.60 17.94
C ILE B 88 20.54 -24.43 17.85
N SER B 89 20.62 -23.52 18.82
CA SER B 89 19.71 -22.38 18.88
C SER B 89 19.93 -21.43 17.71
N PHE B 90 21.07 -21.57 17.03
CA PHE B 90 21.37 -20.75 15.87
C PHE B 90 20.54 -21.19 14.66
N TRP B 91 19.84 -22.31 14.80
CA TRP B 91 18.98 -22.79 13.74
C TRP B 91 17.51 -22.63 14.11
N ARG B 92 17.26 -21.86 15.16
CA ARG B 92 15.89 -21.64 15.64
C ARG B 92 15.08 -20.81 14.65
N GLY B 93 14.07 -21.43 14.06
CA GLY B 93 13.23 -20.77 13.08
C GLY B 93 13.47 -21.25 11.66
N ASN B 94 14.52 -22.04 11.47
CA ASN B 94 14.95 -22.50 10.15
C ASN B 94 13.90 -23.30 9.42
N THR B 95 13.03 -23.99 10.18
CA THR B 95 11.99 -24.82 9.61
C THR B 95 11.07 -24.00 8.71
N ALA B 96 10.81 -22.76 9.11
CA ALA B 96 10.01 -21.85 8.29
C ALA B 96 10.64 -21.64 6.92
N ASN B 97 11.95 -21.43 6.91
CA ASN B 97 12.70 -21.26 5.67
C ASN B 97 12.70 -22.54 4.84
N VAL B 98 12.73 -23.68 5.51
CA VAL B 98 12.70 -24.97 4.82
C VAL B 98 11.36 -25.17 4.11
N ILE B 99 10.27 -24.96 4.84
CA ILE B 99 8.92 -25.11 4.31
C ILE B 99 8.61 -24.11 3.20
N ARG B 100 9.03 -22.87 3.41
CA ARG B 100 8.63 -21.74 2.55
C ARG B 100 8.90 -21.93 1.05
N TYR B 101 9.83 -22.81 0.72
CA TYR B 101 10.18 -23.04 -0.68
C TYR B 101 8.99 -23.48 -1.53
N PHE B 102 8.31 -24.52 -1.07
CA PHE B 102 7.27 -25.17 -1.86
C PHE B 102 6.08 -24.27 -2.22
N PRO B 103 5.52 -23.52 -1.26
CA PRO B 103 4.42 -22.66 -1.68
C PRO B 103 4.88 -21.51 -2.57
N THR B 104 6.14 -21.10 -2.40
CA THR B 104 6.71 -20.01 -3.19
C THR B 104 6.93 -20.43 -4.65
N GLN B 105 7.68 -21.51 -4.84
CA GLN B 105 8.01 -21.97 -6.19
C GLN B 105 6.80 -22.47 -6.96
N ALA B 106 5.84 -23.06 -6.26
CA ALA B 106 4.61 -23.51 -6.90
C ALA B 106 3.87 -22.31 -7.48
N LEU B 107 3.84 -21.22 -6.71
CA LEU B 107 3.24 -19.97 -7.16
C LEU B 107 4.11 -19.34 -8.24
N ASN B 108 5.42 -19.48 -8.10
CA ASN B 108 6.37 -18.97 -9.06
C ASN B 108 6.16 -19.58 -10.44
N PHE B 109 6.14 -20.91 -10.51
CA PHE B 109 5.98 -21.61 -11.78
C PHE B 109 4.59 -21.44 -12.37
N ALA B 110 3.64 -20.99 -11.56
CA ALA B 110 2.25 -20.91 -11.99
C ALA B 110 1.87 -19.53 -12.53
N PHE B 111 2.20 -18.47 -11.80
CA PHE B 111 1.63 -17.16 -12.08
C PHE B 111 2.64 -16.09 -12.48
N LYS B 112 3.92 -16.31 -12.19
CA LYS B 112 4.95 -15.30 -12.46
C LYS B 112 5.02 -14.96 -13.95
N ASP B 113 4.91 -15.96 -14.80
CA ASP B 113 4.99 -15.75 -16.24
C ASP B 113 3.75 -15.03 -16.76
N LYS B 114 2.60 -15.36 -16.17
CA LYS B 114 1.34 -14.72 -16.55
C LYS B 114 1.31 -13.26 -16.13
N ILE B 115 1.84 -12.98 -14.94
CA ILE B 115 1.92 -11.61 -14.44
C ILE B 115 2.85 -10.77 -15.31
N LYS B 116 3.93 -11.39 -15.78
CA LYS B 116 4.86 -10.72 -16.68
C LYS B 116 4.18 -10.40 -18.00
N LEU B 117 3.24 -11.24 -18.41
CA LEU B 117 2.50 -11.02 -19.66
C LEU B 117 1.40 -9.98 -19.46
N MET B 118 1.07 -9.70 -18.21
CA MET B 118 -0.01 -8.76 -17.91
C MET B 118 0.49 -7.32 -17.72
N PHE B 119 1.55 -7.15 -16.93
CA PHE B 119 2.08 -5.83 -16.62
C PHE B 119 3.42 -5.55 -17.27
N GLY B 120 3.93 -6.53 -18.02
CA GLY B 120 5.28 -6.45 -18.55
C GLY B 120 5.34 -5.93 -19.98
N PHE B 121 6.44 -5.26 -20.30
CA PHE B 121 6.65 -4.76 -21.65
C PHE B 121 7.90 -5.35 -22.29
N LYS B 122 7.81 -5.64 -23.58
CA LYS B 122 8.93 -6.19 -24.34
C LYS B 122 10.14 -5.27 -24.30
N LYS B 123 11.32 -5.86 -24.17
CA LYS B 123 12.57 -5.09 -24.08
C LYS B 123 12.80 -4.31 -25.36
N GLU B 124 12.33 -4.85 -26.48
CA GLU B 124 12.45 -4.20 -27.78
C GLU B 124 11.67 -2.89 -27.87
N GLU B 125 10.68 -2.74 -26.98
CA GLU B 125 9.85 -1.54 -26.97
C GLU B 125 10.58 -0.34 -26.39
N GLY B 126 11.09 -0.48 -25.18
CA GLY B 126 11.77 0.60 -24.49
C GLY B 126 12.29 0.19 -23.13
N TYR B 127 13.43 0.74 -22.73
CA TYR B 127 14.02 0.40 -21.44
C TYR B 127 13.21 0.92 -20.26
N GLY B 128 12.68 2.12 -20.39
CA GLY B 128 11.88 2.72 -19.32
C GLY B 128 10.60 1.95 -19.04
N LYS B 129 9.91 1.57 -20.11
CA LYS B 129 8.64 0.85 -19.99
C LYS B 129 8.87 -0.58 -19.52
N TRP B 130 10.02 -1.14 -19.90
CA TRP B 130 10.39 -2.47 -19.44
C TRP B 130 10.76 -2.43 -17.96
N PHE B 131 11.37 -1.32 -17.54
CA PHE B 131 11.74 -1.12 -16.14
C PHE B 131 10.49 -1.00 -15.27
N ALA B 132 9.57 -0.13 -15.68
CA ALA B 132 8.32 0.06 -14.96
C ALA B 132 7.50 -1.22 -14.96
N GLY B 133 7.54 -1.92 -16.08
CA GLY B 133 6.85 -3.19 -16.21
C GLY B 133 7.44 -4.22 -15.27
N ASN B 134 8.75 -4.17 -15.09
CA ASN B 134 9.45 -5.06 -14.18
C ASN B 134 9.09 -4.75 -12.74
N LEU B 135 8.90 -3.48 -12.44
CA LEU B 135 8.50 -3.06 -11.10
C LEU B 135 7.09 -3.53 -10.78
N ALA B 136 6.17 -3.32 -11.73
CA ALA B 136 4.78 -3.73 -11.55
C ALA B 136 4.66 -5.25 -11.45
N SER B 137 5.34 -5.95 -12.34
CA SER B 137 5.32 -7.42 -12.37
C SER B 137 5.92 -8.02 -11.11
N GLY B 138 7.10 -7.53 -10.74
CA GLY B 138 7.77 -8.01 -9.54
C GLY B 138 6.98 -7.72 -8.29
N GLY B 139 6.33 -6.56 -8.27
CA GLY B 139 5.51 -6.17 -7.13
C GLY B 139 4.28 -7.04 -6.99
N ALA B 140 3.61 -7.28 -8.12
CA ALA B 140 2.40 -8.09 -8.13
C ALA B 140 2.71 -9.54 -7.75
N ALA B 141 3.76 -10.10 -8.35
CA ALA B 141 4.17 -11.47 -8.07
C ALA B 141 4.61 -11.62 -6.62
N GLY B 142 5.40 -10.66 -6.14
CA GLY B 142 5.87 -10.66 -4.78
C GLY B 142 4.74 -10.59 -3.77
N ALA B 143 3.80 -9.68 -3.99
CA ALA B 143 2.66 -9.52 -3.08
C ALA B 143 1.77 -10.75 -3.10
N LEU B 144 1.51 -11.27 -4.31
CA LEU B 144 0.68 -12.46 -4.47
C LEU B 144 1.29 -13.67 -3.76
N SER B 145 2.61 -13.80 -3.85
CA SER B 145 3.30 -14.90 -3.17
C SER B 145 3.27 -14.68 -1.65
N LEU B 146 3.47 -13.44 -1.23
CA LEU B 146 3.47 -13.10 0.18
C LEU B 146 2.10 -13.32 0.82
N LEU B 147 1.05 -13.28 0.01
CA LEU B 147 -0.30 -13.53 0.51
C LEU B 147 -0.41 -14.90 1.17
N PHE B 148 0.35 -15.86 0.66
CA PHE B 148 0.36 -17.21 1.21
C PHE B 148 1.61 -17.47 2.04
N VAL B 149 2.66 -16.69 1.81
CA VAL B 149 3.97 -16.96 2.38
C VAL B 149 4.27 -16.21 3.69
N TYR B 150 3.88 -14.94 3.74
CA TYR B 150 4.31 -14.00 4.78
C TYR B 150 4.27 -14.52 6.22
N SER B 151 3.30 -15.38 6.51
CA SER B 151 3.15 -15.94 7.86
C SER B 151 4.39 -16.71 8.29
N LEU B 152 5.00 -17.40 7.33
CA LEU B 152 6.17 -18.22 7.60
C LEU B 152 7.39 -17.35 7.93
N ASP B 153 7.53 -16.25 7.20
CA ASP B 153 8.61 -15.30 7.46
C ASP B 153 8.41 -14.63 8.82
N PHE B 154 7.16 -14.32 9.13
CA PHE B 154 6.81 -13.75 10.42
C PHE B 154 7.22 -14.68 11.55
N ALA B 155 6.79 -15.93 11.47
CA ALA B 155 7.12 -16.94 12.48
C ALA B 155 8.63 -17.16 12.55
N ARG B 156 9.29 -17.07 11.40
CA ARG B 156 10.74 -17.17 11.33
C ARG B 156 11.41 -16.09 12.17
N THR B 157 11.00 -14.85 11.94
CA THR B 157 11.56 -13.71 12.66
C THR B 157 11.28 -13.80 14.15
N ARG B 158 10.04 -14.10 14.49
CA ARG B 158 9.64 -14.16 15.90
C ARG B 158 10.36 -15.28 16.65
N LEU B 159 10.57 -16.41 15.98
CA LEU B 159 11.30 -17.52 16.60
C LEU B 159 12.79 -17.20 16.71
N ALA B 160 13.31 -16.45 15.75
CA ALA B 160 14.72 -16.07 15.78
C ALA B 160 14.98 -14.97 16.79
N ALA B 161 13.91 -14.29 17.20
CA ALA B 161 14.04 -13.13 18.08
C ALA B 161 14.01 -13.49 19.57
N ASP B 162 12.99 -14.24 19.98
CA ASP B 162 12.80 -14.54 21.40
C ASP B 162 13.95 -15.36 21.98
N ALA B 163 14.51 -14.87 23.08
CA ALA B 163 15.66 -15.49 23.70
C ALA B 163 15.46 -15.68 25.20
N ALA B 171 13.46 -18.73 29.94
CA ALA B 171 12.04 -18.42 29.81
C ALA B 171 11.74 -17.82 28.44
N ARG B 172 11.58 -18.68 27.44
CA ARG B 172 11.32 -18.24 26.08
C ARG B 172 9.88 -17.76 25.92
N GLN B 173 9.67 -16.85 24.98
CA GLN B 173 8.35 -16.27 24.74
C GLN B 173 7.46 -17.21 23.93
N PHE B 174 8.10 -17.99 23.05
CA PHE B 174 7.36 -18.92 22.20
C PHE B 174 7.88 -20.35 22.36
N ASN B 175 6.95 -21.31 22.45
CA ASN B 175 7.32 -22.71 22.61
C ASN B 175 7.85 -23.29 21.30
N GLY B 176 7.27 -22.86 20.19
CA GLY B 176 7.66 -23.35 18.89
C GLY B 176 7.06 -22.56 17.74
N LEU B 177 7.09 -23.14 16.56
CA LEU B 177 6.59 -22.50 15.35
C LEU B 177 5.08 -22.27 15.41
N THR B 178 4.34 -23.32 15.72
CA THR B 178 2.89 -23.25 15.76
C THR B 178 2.37 -22.49 16.98
N ASP B 179 3.18 -22.45 18.03
CA ASP B 179 2.82 -21.71 19.24
C ASP B 179 2.73 -20.22 18.93
N VAL B 180 3.64 -19.77 18.06
CA VAL B 180 3.64 -18.39 17.59
C VAL B 180 2.30 -18.08 16.93
N TYR B 181 1.88 -18.98 16.03
CA TYR B 181 0.61 -18.84 15.34
C TYR B 181 -0.56 -18.79 16.31
N LYS B 182 -0.58 -19.73 17.27
CA LYS B 182 -1.67 -19.81 18.22
C LYS B 182 -1.80 -18.53 19.06
N LYS B 183 -0.70 -18.10 19.67
CA LYS B 183 -0.75 -16.95 20.55
C LYS B 183 -0.96 -15.64 19.79
N THR B 184 -0.40 -15.54 18.59
CA THR B 184 -0.56 -14.35 17.75
C THR B 184 -2.02 -14.23 17.31
N LEU B 185 -2.61 -15.35 16.91
CA LEU B 185 -4.01 -15.37 16.50
C LEU B 185 -4.91 -15.06 17.68
N LYS B 186 -4.52 -15.56 18.85
CA LYS B 186 -5.29 -15.34 20.07
C LYS B 186 -5.23 -13.88 20.52
N SER B 187 -4.12 -13.21 20.21
CA SER B 187 -3.90 -11.84 20.67
C SER B 187 -4.29 -10.80 19.63
N ASP B 188 -3.78 -10.96 18.41
CA ASP B 188 -3.99 -9.97 17.36
C ASP B 188 -4.84 -10.49 16.20
N GLY B 189 -4.88 -11.81 16.04
CA GLY B 189 -5.59 -12.42 14.93
C GLY B 189 -4.69 -12.64 13.74
N ILE B 190 -5.28 -12.67 12.55
CA ILE B 190 -4.51 -12.89 11.33
C ILE B 190 -3.67 -11.66 10.98
N ALA B 191 -4.10 -10.50 11.46
CA ALA B 191 -3.38 -9.24 11.21
C ALA B 191 -2.00 -9.28 11.85
N GLY B 192 -1.90 -9.89 13.02
CA GLY B 192 -0.64 -10.02 13.73
C GLY B 192 0.36 -10.85 12.94
N LEU B 193 -0.15 -11.78 12.15
CA LEU B 193 0.69 -12.63 11.32
C LEU B 193 1.19 -11.87 10.10
N TYR B 194 0.46 -10.84 9.72
CA TYR B 194 0.81 -10.03 8.54
C TYR B 194 1.24 -8.62 8.91
N ARG B 195 2.13 -8.51 9.90
CA ARG B 195 2.66 -7.22 10.31
C ARG B 195 3.82 -6.80 9.42
N GLY B 196 3.68 -5.66 8.75
CA GLY B 196 4.74 -5.16 7.89
C GLY B 196 4.65 -5.67 6.46
N PHE B 197 3.44 -5.82 5.96
CA PHE B 197 3.22 -6.32 4.61
C PHE B 197 3.59 -5.26 3.56
N MET B 198 3.15 -4.03 3.81
CA MET B 198 3.42 -2.91 2.90
C MET B 198 4.92 -2.61 2.72
N PRO B 199 5.68 -2.45 3.83
CA PRO B 199 7.09 -2.17 3.60
C PRO B 199 7.84 -3.37 3.02
N SER B 200 7.25 -4.55 3.14
CA SER B 200 7.83 -5.75 2.54
C SER B 200 7.64 -5.71 1.03
N VAL B 201 6.43 -5.39 0.59
CA VAL B 201 6.13 -5.29 -0.84
C VAL B 201 6.94 -4.16 -1.49
N VAL B 202 6.89 -2.98 -0.89
CA VAL B 202 7.67 -1.85 -1.36
C VAL B 202 9.15 -2.21 -1.38
N GLY B 203 9.59 -2.93 -0.35
CA GLY B 203 10.95 -3.40 -0.27
C GLY B 203 11.31 -4.28 -1.46
N ILE B 204 10.39 -5.17 -1.83
CA ILE B 204 10.59 -6.03 -3.00
C ILE B 204 10.72 -5.21 -4.27
N VAL B 205 9.85 -4.21 -4.43
CA VAL B 205 9.88 -3.36 -5.62
C VAL B 205 11.19 -2.59 -5.74
N VAL B 206 11.57 -1.90 -4.66
CA VAL B 206 12.82 -1.13 -4.63
C VAL B 206 14.02 -2.03 -4.88
N TYR B 207 14.06 -3.16 -4.19
CA TYR B 207 15.14 -4.13 -4.34
C TYR B 207 15.26 -4.61 -5.77
N ARG B 208 14.13 -4.88 -6.42
CA ARG B 208 14.12 -5.37 -7.78
C ARG B 208 14.61 -4.31 -8.76
N GLY B 209 14.10 -3.09 -8.61
CA GLY B 209 14.49 -1.99 -9.47
C GLY B 209 15.97 -1.68 -9.36
N LEU B 210 16.47 -1.66 -8.13
CA LEU B 210 17.88 -1.41 -7.88
C LEU B 210 18.74 -2.55 -8.42
N TYR B 211 18.25 -3.77 -8.28
CA TYR B 211 18.94 -4.97 -8.75
C TYR B 211 19.13 -4.91 -10.27
N PHE B 212 18.03 -4.78 -10.99
CA PHE B 212 18.08 -4.77 -12.45
C PHE B 212 18.81 -3.53 -12.98
N GLY B 213 18.64 -2.41 -12.30
CA GLY B 213 19.30 -1.18 -12.70
C GLY B 213 20.81 -1.30 -12.59
N MET B 214 21.29 -1.73 -11.42
CA MET B 214 22.72 -1.88 -11.20
C MET B 214 23.31 -2.98 -12.09
N PHE B 215 22.56 -4.07 -12.25
CA PHE B 215 23.04 -5.20 -13.04
C PHE B 215 23.20 -4.81 -14.50
N ASP B 216 22.20 -4.11 -15.03
CA ASP B 216 22.25 -3.65 -16.42
C ASP B 216 23.33 -2.59 -16.60
N SER B 217 23.51 -1.73 -15.60
CA SER B 217 24.50 -0.67 -15.67
C SER B 217 25.93 -1.23 -15.65
N LEU B 218 26.13 -2.29 -14.88
CA LEU B 218 27.45 -2.91 -14.75
C LEU B 218 27.61 -4.10 -15.68
N LYS B 219 26.60 -4.36 -16.49
CA LYS B 219 26.60 -5.50 -17.41
C LYS B 219 27.71 -5.50 -18.47
N PRO B 220 27.96 -4.37 -19.16
CA PRO B 220 29.01 -4.42 -20.19
C PRO B 220 30.41 -4.66 -19.64
N LEU B 221 30.61 -4.43 -18.35
CA LEU B 221 31.91 -4.66 -17.72
C LEU B 221 32.38 -6.10 -17.87
N VAL B 222 31.76 -6.99 -17.11
CA VAL B 222 32.11 -8.41 -17.16
C VAL B 222 31.46 -9.11 -18.34
N SER B 230 36.26 -15.71 -15.81
CA SER B 230 34.93 -15.81 -16.40
C SER B 230 33.86 -15.96 -15.32
N PHE B 231 33.83 -17.11 -14.67
CA PHE B 231 32.86 -17.38 -13.62
C PHE B 231 33.11 -16.50 -12.40
N LEU B 232 34.38 -16.26 -12.10
CA LEU B 232 34.76 -15.45 -10.94
C LEU B 232 34.30 -14.01 -11.08
N ALA B 233 34.53 -13.42 -12.24
CA ALA B 233 34.12 -12.04 -12.51
C ALA B 233 32.60 -11.89 -12.45
N SER B 234 31.90 -12.85 -13.04
CA SER B 234 30.44 -12.84 -13.05
C SER B 234 29.87 -12.98 -11.64
N PHE B 235 30.44 -13.90 -10.87
CA PHE B 235 30.00 -14.13 -9.50
C PHE B 235 30.26 -12.89 -8.64
N LEU B 236 31.41 -12.27 -8.83
CA LEU B 236 31.76 -11.06 -8.11
C LEU B 236 30.80 -9.93 -8.47
N LEU B 237 30.42 -9.88 -9.75
CA LEU B 237 29.45 -8.89 -10.22
C LEU B 237 28.10 -9.09 -9.53
N GLY B 238 27.65 -10.33 -9.52
CA GLY B 238 26.38 -10.67 -8.88
C GLY B 238 26.40 -10.34 -7.40
N TRP B 239 27.55 -10.57 -6.76
CA TRP B 239 27.70 -10.25 -5.34
C TRP B 239 27.65 -8.76 -5.11
N VAL B 240 28.25 -7.99 -6.01
CA VAL B 240 28.24 -6.53 -5.90
C VAL B 240 26.82 -5.99 -6.02
N VAL B 241 26.12 -6.44 -7.06
CA VAL B 241 24.74 -6.02 -7.30
C VAL B 241 23.84 -6.40 -6.13
N THR B 242 23.97 -7.63 -5.66
CA THR B 242 23.18 -8.11 -4.54
C THR B 242 23.45 -7.30 -3.28
N THR B 243 24.73 -7.04 -3.02
CA THR B 243 25.14 -6.29 -1.84
C THR B 243 24.58 -4.87 -1.86
N GLY B 244 24.75 -4.19 -2.99
CA GLY B 244 24.27 -2.82 -3.11
C GLY B 244 22.75 -2.72 -3.01
N ALA B 245 22.06 -3.55 -3.79
CA ALA B 245 20.61 -3.54 -3.81
C ALA B 245 20.00 -3.89 -2.45
N SER B 246 20.60 -4.87 -1.78
CA SER B 246 20.10 -5.29 -0.48
C SER B 246 20.43 -4.25 0.59
N THR B 247 21.55 -3.56 0.42
CA THR B 247 21.97 -2.54 1.38
C THR B 247 21.04 -1.33 1.32
N CYS B 248 20.72 -0.89 0.11
CA CYS B 248 19.88 0.29 -0.06
C CYS B 248 18.42 0.06 0.33
N SER B 249 17.97 -1.18 0.18
CA SER B 249 16.58 -1.53 0.51
C SER B 249 16.44 -2.12 1.90
N TYR B 250 17.51 -2.05 2.68
CA TYR B 250 17.53 -2.64 4.02
C TYR B 250 16.65 -1.96 5.08
N PRO B 251 16.58 -0.60 5.09
CA PRO B 251 15.71 0.03 6.09
C PRO B 251 14.25 -0.43 6.06
N LEU B 252 13.72 -0.74 4.88
CA LEU B 252 12.36 -1.23 4.76
C LEU B 252 12.22 -2.60 5.41
N ASP B 253 13.27 -3.42 5.30
CA ASP B 253 13.30 -4.73 5.91
C ASP B 253 13.37 -4.60 7.43
N THR B 254 14.14 -3.63 7.89
CA THR B 254 14.26 -3.35 9.32
C THR B 254 12.91 -2.95 9.90
N VAL B 255 12.24 -2.01 9.22
CA VAL B 255 10.92 -1.58 9.63
C VAL B 255 9.95 -2.76 9.64
N ARG B 256 10.01 -3.58 8.61
CA ARG B 256 9.18 -4.77 8.50
C ARG B 256 9.34 -5.71 9.70
N ARG B 257 10.58 -6.07 10.00
CA ARG B 257 10.87 -7.00 11.09
C ARG B 257 10.52 -6.42 12.45
N ARG B 258 10.81 -5.13 12.63
CA ARG B 258 10.50 -4.46 13.89
C ARG B 258 8.99 -4.32 14.05
N MET B 259 8.26 -4.31 12.94
CA MET B 259 6.81 -4.34 12.98
C MET B 259 6.30 -5.74 13.30
N MET B 260 7.07 -6.75 12.89
CA MET B 260 6.77 -8.12 13.26
C MET B 260 6.93 -8.29 14.77
N MET B 261 7.89 -7.56 15.33
CA MET B 261 8.17 -7.65 16.76
C MET B 261 7.05 -7.08 17.63
N THR B 262 6.27 -6.16 17.08
CA THR B 262 5.23 -5.48 17.83
C THR B 262 3.95 -6.31 17.95
N SER B 263 3.87 -7.39 17.20
CA SER B 263 2.70 -8.25 17.23
C SER B 263 2.53 -8.91 18.60
N GLY B 264 1.37 -8.70 19.21
CA GLY B 264 1.10 -9.25 20.53
C GLY B 264 1.57 -8.35 21.65
N GLN B 265 2.22 -7.24 21.28
CA GLN B 265 2.71 -6.29 22.26
C GLN B 265 1.69 -5.18 22.52
N ALA B 266 1.82 -4.51 23.65
CA ALA B 266 0.89 -3.45 24.04
C ALA B 266 0.99 -2.26 23.10
N VAL B 267 2.23 -1.83 22.83
CA VAL B 267 2.46 -0.69 21.95
C VAL B 267 2.86 -1.17 20.54
N LYS B 268 2.27 -0.54 19.53
CA LYS B 268 2.57 -0.86 18.14
C LYS B 268 2.69 0.40 17.30
N TYR B 269 3.53 0.35 16.27
CA TYR B 269 3.69 1.49 15.38
C TYR B 269 2.46 1.68 14.51
N ASN B 270 2.13 2.93 14.21
CA ASN B 270 0.96 3.24 13.40
C ASN B 270 1.30 3.27 11.91
N GLY B 271 1.94 2.21 11.43
CA GLY B 271 2.32 2.14 10.04
C GLY B 271 3.83 2.08 9.86
N ALA B 272 4.26 1.80 8.63
CA ALA B 272 5.69 1.74 8.31
C ALA B 272 6.32 3.13 8.39
N ILE B 273 5.59 4.14 7.93
CA ILE B 273 6.07 5.52 7.98
C ILE B 273 6.22 6.00 9.42
N ASP B 274 5.22 5.70 10.24
CA ASP B 274 5.26 6.04 11.66
C ASP B 274 6.42 5.35 12.37
N CYS B 275 6.62 4.08 12.03
CA CYS B 275 7.72 3.30 12.56
C CYS B 275 9.06 3.93 12.19
N LEU B 276 9.18 4.32 10.92
CA LEU B 276 10.38 4.96 10.42
C LEU B 276 10.67 6.26 11.17
N LYS B 277 9.61 7.06 11.34
CA LYS B 277 9.72 8.34 12.02
C LYS B 277 10.17 8.18 13.47
N LYS B 278 9.55 7.23 14.17
CA LYS B 278 9.88 6.99 15.58
C LYS B 278 11.30 6.45 15.71
N ILE B 279 11.70 5.57 14.79
CA ILE B 279 13.04 5.00 14.81
C ILE B 279 14.09 6.08 14.60
N VAL B 280 13.90 6.91 13.59
CA VAL B 280 14.84 7.99 13.30
C VAL B 280 14.90 8.98 14.47
N ALA B 281 13.72 9.34 14.99
CA ALA B 281 13.64 10.33 16.05
C ALA B 281 14.21 9.84 17.38
N SER B 282 14.19 8.53 17.59
CA SER B 282 14.63 7.97 18.87
C SER B 282 16.08 7.50 18.86
N GLU B 283 16.48 6.82 17.78
CA GLU B 283 17.79 6.17 17.72
C GLU B 283 18.67 6.68 16.59
N GLY B 284 18.06 7.43 15.66
CA GLY B 284 18.80 7.94 14.52
C GLY B 284 18.63 7.09 13.28
N VAL B 285 19.11 7.59 12.15
CA VAL B 285 18.98 6.90 10.88
C VAL B 285 19.78 5.59 10.85
N GLY B 286 20.94 5.61 11.49
CA GLY B 286 21.82 4.45 11.52
C GLY B 286 21.18 3.20 12.10
N SER B 287 20.18 3.40 12.95
CA SER B 287 19.47 2.30 13.57
C SER B 287 18.71 1.45 12.54
N LEU B 288 18.49 2.05 11.38
CA LEU B 288 17.83 1.34 10.28
C LEU B 288 18.75 0.33 9.61
N PHE B 289 20.05 0.45 9.87
CA PHE B 289 21.03 -0.41 9.20
C PHE B 289 21.67 -1.44 10.12
N LYS B 290 20.99 -1.79 11.21
CA LYS B 290 21.50 -2.81 12.12
C LYS B 290 21.37 -4.20 11.51
N GLY B 291 22.51 -4.88 11.34
CA GLY B 291 22.52 -6.24 10.84
C GLY B 291 22.71 -6.38 9.34
N CYS B 292 22.99 -5.26 8.67
CA CYS B 292 23.17 -5.27 7.22
C CYS B 292 24.41 -6.06 6.79
N GLY B 293 25.51 -5.86 7.52
CA GLY B 293 26.74 -6.59 7.25
C GLY B 293 26.58 -8.07 7.48
N ALA B 294 25.82 -8.41 8.52
CA ALA B 294 25.50 -9.81 8.82
C ALA B 294 24.67 -10.39 7.68
N ASN B 295 23.85 -9.55 7.06
CA ASN B 295 23.03 -9.96 5.93
C ASN B 295 23.91 -10.23 4.72
N ILE B 296 24.95 -9.41 4.55
CA ILE B 296 25.90 -9.61 3.46
C ILE B 296 26.67 -10.92 3.65
N LEU B 297 27.07 -11.17 4.89
CA LEU B 297 27.74 -12.42 5.25
C LEU B 297 26.82 -13.60 4.97
N ARG B 298 25.54 -13.43 5.27
CA ARG B 298 24.54 -14.46 5.01
C ARG B 298 24.44 -14.71 3.51
N SER B 299 24.56 -13.65 2.73
CA SER B 299 24.49 -13.75 1.28
C SER B 299 25.66 -14.55 0.72
N VAL B 300 26.87 -14.20 1.15
CA VAL B 300 28.06 -14.89 0.64
C VAL B 300 28.11 -16.33 1.14
N ALA B 301 27.52 -16.57 2.31
CA ALA B 301 27.46 -17.91 2.87
C ALA B 301 26.51 -18.77 2.03
N GLY B 302 25.34 -18.21 1.73
CA GLY B 302 24.35 -18.89 0.92
C GLY B 302 24.85 -19.19 -0.48
N ALA B 303 25.45 -18.20 -1.13
CA ALA B 303 25.99 -18.38 -2.46
C ALA B 303 27.13 -19.40 -2.45
N GLY B 304 27.95 -19.35 -1.40
CA GLY B 304 29.06 -20.28 -1.26
C GLY B 304 28.57 -21.72 -1.16
N VAL B 305 27.65 -21.96 -0.23
CA VAL B 305 27.18 -23.32 0.02
C VAL B 305 26.30 -23.83 -1.12
N ILE B 306 25.66 -22.92 -1.86
CA ILE B 306 24.84 -23.36 -2.98
C ILE B 306 25.73 -23.68 -4.17
N SER B 307 26.90 -23.04 -4.23
CA SER B 307 27.87 -23.37 -5.27
C SER B 307 28.52 -24.71 -4.97
N MET B 308 28.90 -24.90 -3.70
CA MET B 308 29.47 -26.17 -3.25
C MET B 308 28.48 -27.31 -3.48
N TYR B 309 27.21 -27.07 -3.14
CA TYR B 309 26.19 -28.09 -3.32
C TYR B 309 25.90 -28.33 -4.80
N ASP B 310 26.06 -27.28 -5.61
CA ASP B 310 25.91 -27.45 -7.06
C ASP B 310 27.00 -28.38 -7.60
N GLN B 311 28.22 -28.20 -7.11
CA GLN B 311 29.33 -29.04 -7.54
C GLN B 311 29.19 -30.49 -7.05
N LEU B 312 28.76 -30.64 -5.80
CA LEU B 312 28.52 -31.97 -5.24
C LEU B 312 27.41 -32.70 -5.99
N GLN B 313 26.37 -31.95 -6.34
CA GLN B 313 25.24 -32.51 -7.05
C GLN B 313 25.59 -32.85 -8.49
N MET B 314 26.52 -32.09 -9.05
CA MET B 314 26.97 -32.31 -10.42
C MET B 314 27.67 -33.66 -10.58
N ILE B 315 28.25 -34.14 -9.49
CA ILE B 315 28.98 -35.41 -9.51
C ILE B 315 28.05 -36.60 -9.36
N LEU B 316 27.18 -36.57 -8.37
CA LEU B 316 26.24 -37.67 -8.11
C LEU B 316 25.26 -37.84 -9.25
N PHE B 317 24.47 -36.80 -9.52
CA PHE B 317 23.48 -36.85 -10.58
C PHE B 317 24.04 -36.20 -11.84
N GLY B 318 23.42 -36.48 -12.98
CA GLY B 318 23.86 -35.93 -14.26
C GLY B 318 23.67 -34.43 -14.34
N LYS B 319 22.53 -33.94 -13.85
CA LYS B 319 22.22 -32.52 -13.88
C LYS B 319 21.97 -31.98 -12.48
N LYS B 320 22.42 -30.75 -12.23
CA LYS B 320 22.17 -30.09 -10.96
C LYS B 320 20.74 -29.55 -10.89
N PHE B 321 20.20 -29.46 -9.68
CA PHE B 321 18.84 -28.95 -9.50
C PHE B 321 18.75 -28.09 -8.25
#